data_5LEO
#
_entry.id   5LEO
#
_cell.length_a   50.380
_cell.length_b   54.364
_cell.length_c   63.229
_cell.angle_alpha   90.00
_cell.angle_beta   90.00
_cell.angle_gamma   90.00
#
_symmetry.space_group_name_H-M   'P 21 21 21'
#
loop_
_entity.id
_entity.type
_entity.pdbx_description
1 polymer Lysostaphin
2 polymer GLY-GLY-GLY-GLY-GLY
3 non-polymer 'SULFATE ION'
4 non-polymer (4S)-2-METHYL-2,4-PENTANEDIOL
5 water water
#
loop_
_entity_poly.entity_id
_entity_poly.type
_entity_poly.pdbx_seq_one_letter_code
_entity_poly.pdbx_strand_id
1 'polypeptide(L)'
;MGWKTNKYGTLYKSESASFTPNTDIITRTTGPFRSMPQSGVLKAGQTIHYDEVMKQDGHVWVGYTGNSGQRIYLPVRTWN
KSTNTLGVLWGTIK
;
A,B
2 'polypeptide(L)' GGGGG G,H
#
loop_
_chem_comp.id
_chem_comp.type
_chem_comp.name
_chem_comp.formula
MPD non-polymer (4S)-2-METHYL-2,4-PENTANEDIOL 'C6 H14 O2'
SO4 non-polymer 'SULFATE ION' 'O4 S -2'
#
# COMPACT_ATOMS: atom_id res chain seq x y z
N GLY A 2 -12.59 18.50 -12.00
CA GLY A 2 -13.72 17.61 -11.82
C GLY A 2 -13.45 16.18 -12.24
N TRP A 3 -14.38 15.30 -11.87
CA TRP A 3 -14.27 13.87 -12.18
C TRP A 3 -15.61 13.31 -12.60
N LYS A 4 -15.61 12.36 -13.53
CA LYS A 4 -16.81 11.57 -13.83
C LYS A 4 -16.95 10.50 -12.76
N THR A 5 -18.12 9.88 -12.67
CA THR A 5 -18.34 8.88 -11.63
C THR A 5 -19.07 7.69 -12.23
N ASN A 6 -18.65 6.47 -11.90
CA ASN A 6 -19.31 5.31 -12.49
C ASN A 6 -20.13 4.51 -11.48
N LYS A 7 -20.63 3.35 -11.92
CA LYS A 7 -21.61 2.62 -11.13
C LYS A 7 -21.01 1.95 -9.89
N TYR A 8 -19.67 1.89 -9.82
CA TYR A 8 -18.99 1.41 -8.62
C TYR A 8 -18.56 2.56 -7.71
N GLY A 9 -18.92 3.79 -8.08
CA GLY A 9 -18.54 4.95 -7.28
C GLY A 9 -17.10 5.37 -7.51
N THR A 10 -16.46 4.77 -8.51
CA THR A 10 -15.12 5.19 -8.91
C THR A 10 -15.16 6.56 -9.56
N LEU A 11 -14.29 7.47 -9.10
CA LEU A 11 -14.11 8.75 -9.75
C LEU A 11 -13.08 8.57 -10.86
N TYR A 12 -13.35 9.07 -12.06
CA TYR A 12 -12.45 8.78 -13.17
C TYR A 12 -12.50 9.90 -14.22
N LYS A 13 -11.45 9.98 -15.03
CA LYS A 13 -11.42 10.84 -16.21
C LYS A 13 -10.27 10.46 -17.12
N SER A 14 -10.18 11.12 -18.27
CA SER A 14 -9.06 10.91 -19.18
C SER A 14 -7.86 11.78 -18.80
N GLU A 15 -6.67 11.18 -18.89
CA GLU A 15 -5.42 11.87 -18.78
C GLU A 15 -4.41 10.93 -19.40
N SER A 16 -3.50 11.47 -20.21
CA SER A 16 -2.55 10.64 -20.98
C SER A 16 -1.13 11.05 -20.66
N ALA A 17 -0.39 10.15 -20.01
CA ALA A 17 1.01 10.38 -19.73
C ALA A 17 1.71 9.04 -19.55
N SER A 18 3.00 9.08 -19.25
CA SER A 18 3.78 7.87 -19.09
C SER A 18 4.29 7.77 -17.66
N PHE A 19 4.06 6.63 -17.03
CA PHE A 19 4.46 6.40 -15.65
C PHE A 19 5.57 5.34 -15.53
N THR A 20 6.64 5.72 -14.83
CA THR A 20 7.78 4.82 -14.55
C THR A 20 7.90 4.66 -13.04
N PRO A 21 7.55 3.47 -12.50
CA PRO A 21 7.64 3.33 -11.04
C PRO A 21 9.07 3.24 -10.53
N ASN A 22 9.26 3.59 -9.25
CA ASN A 22 10.55 3.43 -8.60
C ASN A 22 10.58 2.22 -7.66
N THR A 23 9.57 1.36 -7.82
CA THR A 23 9.43 0.15 -7.01
C THR A 23 8.54 -0.75 -7.84
N ASP A 24 8.57 -2.06 -7.59
CA ASP A 24 7.68 -2.97 -8.31
C ASP A 24 6.24 -2.72 -7.89
N ILE A 25 5.32 -2.77 -8.84
CA ILE A 25 3.91 -2.58 -8.53
C ILE A 25 3.09 -3.72 -9.14
N ILE A 26 2.21 -4.32 -8.34
CA ILE A 26 1.29 -5.32 -8.85
C ILE A 26 0.21 -4.63 -9.68
N THR A 27 0.04 -5.05 -10.92
CA THR A 27 -1.02 -4.49 -11.76
C THR A 27 -2.26 -5.37 -11.66
N ARG A 28 -3.43 -4.76 -11.85
CA ARG A 28 -4.72 -5.42 -11.66
C ARG A 28 -5.53 -5.46 -12.96
N THR A 29 -6.32 -6.53 -13.11
CA THR A 29 -7.35 -6.55 -14.14
C THR A 29 -8.65 -6.04 -13.56
N THR A 30 -9.64 -5.87 -14.43
CA THR A 30 -11.06 -5.71 -14.09
C THR A 30 -11.42 -4.32 -13.57
N GLY A 31 -10.68 -3.84 -12.57
CA GLY A 31 -10.95 -2.52 -12.04
C GLY A 31 -9.95 -2.04 -11.02
N PRO A 32 -10.11 -0.77 -10.60
CA PRO A 32 -9.13 -0.14 -9.70
C PRO A 32 -9.40 -0.48 -8.24
N PHE A 33 -9.24 -1.76 -7.91
CA PHE A 33 -9.32 -2.22 -6.53
C PHE A 33 -8.20 -3.21 -6.25
N ARG A 34 -7.63 -3.15 -5.05
CA ARG A 34 -6.56 -4.07 -4.69
C ARG A 34 -7.07 -5.52 -4.56
N SER A 35 -8.38 -5.69 -4.40
CA SER A 35 -9.01 -7.01 -4.32
C SER A 35 -9.22 -7.69 -5.68
N MET A 36 -8.98 -6.96 -6.76
CA MET A 36 -9.13 -7.49 -8.10
C MET A 36 -7.96 -8.43 -8.44
N PRO A 37 -8.12 -9.28 -9.46
CA PRO A 37 -7.01 -10.19 -9.78
C PRO A 37 -5.78 -9.46 -10.31
N GLN A 38 -4.63 -10.07 -10.08
CA GLN A 38 -3.37 -9.55 -10.58
C GLN A 38 -3.31 -9.75 -12.08
N SER A 39 -2.93 -8.71 -12.81
CA SER A 39 -2.63 -8.84 -14.24
C SER A 39 -1.17 -9.27 -14.39
N GLY A 40 -0.29 -8.55 -13.72
CA GLY A 40 1.11 -8.89 -13.74
C GLY A 40 1.92 -8.08 -12.77
N VAL A 41 3.20 -7.88 -13.08
CA VAL A 41 4.05 -7.02 -12.29
C VAL A 41 4.70 -6.00 -13.20
N LEU A 42 4.63 -4.72 -12.80
CA LEU A 42 5.37 -3.68 -13.47
C LEU A 42 6.63 -3.42 -12.66
N LYS A 43 7.79 -3.75 -13.23
CA LYS A 43 9.04 -3.68 -12.50
C LYS A 43 9.54 -2.25 -12.42
N ALA A 44 10.17 -1.91 -11.30
CA ALA A 44 10.83 -0.62 -11.14
C ALA A 44 11.64 -0.33 -12.39
N GLY A 45 11.47 0.86 -12.95
CA GLY A 45 12.22 1.26 -14.11
C GLY A 45 11.50 1.07 -15.43
N GLN A 46 10.47 0.21 -15.46
CA GLN A 46 9.70 0.02 -16.68
C GLN A 46 8.70 1.17 -16.84
N THR A 47 8.05 1.24 -17.98
CA THR A 47 7.12 2.36 -18.24
C THR A 47 5.80 1.88 -18.86
N ILE A 48 4.69 2.41 -18.37
CA ILE A 48 3.42 2.19 -19.05
C ILE A 48 2.84 3.55 -19.46
N HIS A 49 2.04 3.52 -20.52
CA HIS A 49 1.44 4.74 -21.07
C HIS A 49 -0.05 4.68 -20.85
N TYR A 50 -0.52 5.49 -19.91
CA TYR A 50 -1.90 5.40 -19.44
C TYR A 50 -2.80 6.42 -20.11
N ASP A 51 -4.11 6.14 -20.11
CA ASP A 51 -5.04 7.03 -20.79
C ASP A 51 -6.21 7.41 -19.89
N GLU A 52 -6.22 6.85 -18.68
CA GLU A 52 -7.33 7.03 -17.75
C GLU A 52 -6.79 7.15 -16.33
N VAL A 53 -7.38 8.03 -15.52
CA VAL A 53 -7.00 8.17 -14.13
CA VAL A 53 -6.99 8.14 -14.11
C VAL A 53 -8.23 7.95 -13.25
N MET A 54 -8.04 7.28 -12.11
CA MET A 54 -9.14 6.93 -11.23
C MET A 54 -8.81 7.22 -9.77
N LYS A 55 -9.83 7.61 -8.99
CA LYS A 55 -9.71 7.71 -7.54
C LYS A 55 -10.68 6.70 -6.91
N GLN A 56 -10.12 5.67 -6.28
CA GLN A 56 -10.91 4.56 -5.79
C GLN A 56 -10.02 3.75 -4.86
N ASP A 57 -10.63 3.11 -3.86
CA ASP A 57 -9.91 2.14 -3.02
C ASP A 57 -8.62 2.71 -2.41
N GLY A 58 -8.68 3.93 -1.90
CA GLY A 58 -7.55 4.47 -1.17
C GLY A 58 -6.38 4.96 -2.01
N HIS A 59 -6.57 4.98 -3.33
CA HIS A 59 -5.48 5.32 -4.24
C HIS A 59 -5.92 6.10 -5.47
N VAL A 60 -4.94 6.73 -6.11
CA VAL A 60 -5.08 7.17 -7.49
C VAL A 60 -4.53 6.05 -8.37
N TRP A 61 -5.35 5.61 -9.31
CA TRP A 61 -4.97 4.54 -10.25
C TRP A 61 -4.84 5.10 -11.65
N VAL A 62 -3.98 4.51 -12.46
CA VAL A 62 -4.01 4.79 -13.89
C VAL A 62 -4.42 3.54 -14.66
N GLY A 63 -5.07 3.75 -15.80
CA GLY A 63 -5.55 2.64 -16.61
C GLY A 63 -4.95 2.66 -17.99
N TYR A 64 -4.63 1.48 -18.53
CA TYR A 64 -4.11 1.38 -19.87
C TYR A 64 -4.59 0.10 -20.55
N THR A 65 -4.35 -0.02 -21.84
CA THR A 65 -4.73 -1.24 -22.55
C THR A 65 -3.53 -2.14 -22.79
N GLY A 66 -3.65 -3.39 -22.37
CA GLY A 66 -2.57 -4.35 -22.48
C GLY A 66 -2.43 -4.92 -23.87
N ASN A 67 -1.44 -5.78 -24.06
CA ASN A 67 -1.18 -6.33 -25.38
C ASN A 67 -2.29 -7.31 -25.83
N SER A 68 -3.06 -7.83 -24.88
CA SER A 68 -4.18 -8.73 -25.22
C SER A 68 -5.50 -7.97 -25.41
N GLY A 69 -5.44 -6.64 -25.42
CA GLY A 69 -6.62 -5.83 -25.62
C GLY A 69 -7.45 -5.62 -24.36
N GLN A 70 -6.89 -6.05 -23.23
CA GLN A 70 -7.57 -5.97 -21.95
C GLN A 70 -7.19 -4.70 -21.19
N ARG A 71 -8.08 -4.22 -20.34
CA ARG A 71 -7.75 -3.06 -19.49
C ARG A 71 -6.95 -3.50 -18.26
N ILE A 72 -5.94 -2.69 -17.94
CA ILE A 72 -5.06 -2.95 -16.81
C ILE A 72 -5.03 -1.70 -15.93
N TYR A 73 -5.06 -1.92 -14.62
CA TYR A 73 -5.18 -0.87 -13.63
C TYR A 73 -4.03 -0.96 -12.62
N LEU A 74 -3.40 0.16 -12.31
CA LEU A 74 -2.38 0.12 -11.27
C LEU A 74 -2.35 1.39 -10.42
N PRO A 75 -2.08 1.21 -9.13
CA PRO A 75 -2.04 2.35 -8.20
C PRO A 75 -0.68 3.04 -8.24
N VAL A 76 -0.69 4.37 -8.27
CA VAL A 76 0.55 5.11 -8.40
C VAL A 76 0.83 6.01 -7.18
N ARG A 77 -0.17 6.24 -6.35
CA ARG A 77 -0.04 6.97 -5.08
C ARG A 77 -1.32 6.82 -4.26
N THR A 78 -1.25 7.14 -2.98
CA THR A 78 -2.44 7.04 -2.13
C THR A 78 -3.38 8.23 -2.35
N TRP A 79 -4.65 8.03 -2.02
CA TRP A 79 -5.66 9.08 -2.06
C TRP A 79 -6.51 8.96 -0.81
N ASN A 80 -6.50 9.97 0.03
CA ASN A 80 -7.36 10.01 1.21
C ASN A 80 -8.66 10.72 0.87
N LYS A 81 -9.74 9.98 0.68
CA LYS A 81 -11.00 10.59 0.24
C LYS A 81 -11.60 11.56 1.27
N SER A 82 -11.27 11.39 2.54
CA SER A 82 -11.84 12.30 3.56
C SER A 82 -11.33 13.74 3.37
N THR A 83 -10.08 13.88 2.93
CA THR A 83 -9.49 15.20 2.77
C THR A 83 -9.12 15.52 1.32
N ASN A 84 -9.29 14.53 0.41
CA ASN A 84 -8.89 14.67 -0.99
C ASN A 84 -7.38 14.97 -1.10
N THR A 85 -6.61 14.35 -0.21
CA THR A 85 -5.17 14.53 -0.17
C THR A 85 -4.44 13.36 -0.86
N LEU A 86 -3.41 13.66 -1.65
CA LEU A 86 -2.64 12.62 -2.33
C LEU A 86 -1.34 12.31 -1.59
N GLY A 87 -0.90 11.05 -1.70
CA GLY A 87 0.39 10.64 -1.16
C GLY A 87 1.51 10.85 -2.16
N VAL A 88 2.73 10.52 -1.76
CA VAL A 88 3.88 10.62 -2.65
C VAL A 88 3.73 9.71 -3.86
N LEU A 89 4.08 10.22 -5.04
CA LEU A 89 4.05 9.42 -6.27
C LEU A 89 5.11 8.31 -6.22
N TRP A 90 4.71 7.08 -6.55
CA TRP A 90 5.65 5.95 -6.52
C TRP A 90 6.46 5.83 -7.81
N GLY A 91 7.03 6.94 -8.27
CA GLY A 91 7.79 6.94 -9.50
C GLY A 91 7.69 8.30 -10.16
N THR A 92 7.83 8.33 -11.47
CA THR A 92 7.85 9.61 -12.17
C THR A 92 6.90 9.55 -13.36
N ILE A 93 6.37 10.72 -13.71
CA ILE A 93 5.45 10.84 -14.82
C ILE A 93 5.97 11.85 -15.82
N LYS A 94 5.96 11.47 -17.09
CA LYS A 94 6.46 12.32 -18.16
C LYS A 94 5.42 12.38 -19.29
N GLY B 2 -5.61 11.34 9.18
CA GLY B 2 -5.72 10.76 10.50
C GLY B 2 -5.67 9.25 10.43
N TRP B 3 -5.96 8.59 11.55
CA TRP B 3 -5.91 7.13 11.58
C TRP B 3 -7.31 6.55 11.38
N LYS B 4 -7.39 5.49 10.59
CA LYS B 4 -8.63 4.72 10.49
C LYS B 4 -8.62 3.65 11.55
N THR B 5 -9.76 2.99 11.77
CA THR B 5 -9.86 1.94 12.77
C THR B 5 -10.54 0.75 12.14
N ASN B 6 -10.00 -0.46 12.34
CA ASN B 6 -10.69 -1.63 11.80
C ASN B 6 -11.49 -2.38 12.88
N LYS B 7 -12.10 -3.49 12.50
CA LYS B 7 -12.99 -4.21 13.40
C LYS B 7 -12.25 -4.83 14.59
N TYR B 8 -10.93 -4.86 14.50
CA TYR B 8 -10.11 -5.47 15.55
C TYR B 8 -9.53 -4.43 16.50
N GLY B 9 -9.90 -3.17 16.31
CA GLY B 9 -9.42 -2.11 17.18
C GLY B 9 -8.07 -1.55 16.77
N THR B 10 -7.57 -2.00 15.62
CA THR B 10 -6.30 -1.51 15.10
C THR B 10 -6.41 -0.14 14.42
N LEU B 11 -5.54 0.78 14.83
CA LEU B 11 -5.45 2.07 14.16
C LEU B 11 -4.53 1.90 12.97
N TYR B 12 -4.92 2.40 11.81
CA TYR B 12 -4.07 2.22 10.62
C TYR B 12 -4.19 3.34 9.61
N LYS B 13 -3.16 3.48 8.79
CA LYS B 13 -3.19 4.42 7.69
C LYS B 13 -2.28 3.95 6.57
N SER B 14 -2.49 4.51 5.38
CA SER B 14 -1.64 4.24 4.24
C SER B 14 -0.48 5.20 4.25
N GLU B 15 0.73 4.65 4.35
CA GLU B 15 1.94 5.44 4.44
C GLU B 15 3.07 4.57 3.89
N SER B 16 3.93 5.13 3.06
CA SER B 16 4.97 4.30 2.45
C SER B 16 6.37 4.88 2.59
N ALA B 17 7.31 4.00 2.90
CA ALA B 17 8.71 4.37 3.02
C ALA B 17 9.55 3.09 3.07
N SER B 18 10.85 3.24 3.23
CA SER B 18 11.68 2.06 3.45
C SER B 18 12.04 2.00 4.93
N PHE B 19 12.12 0.79 5.46
CA PHE B 19 12.54 0.60 6.83
C PHE B 19 13.70 -0.38 6.87
N THR B 20 14.75 0.01 7.59
CA THR B 20 15.95 -0.78 7.78
C THR B 20 16.17 -0.99 9.26
N PRO B 21 15.91 -2.21 9.77
CA PRO B 21 16.08 -2.41 11.22
C PRO B 21 17.53 -2.32 11.62
N ASN B 22 17.80 -1.91 12.85
CA ASN B 22 19.18 -1.92 13.36
C ASN B 22 19.36 -3.09 14.31
N THR B 23 18.39 -3.99 14.30
CA THR B 23 18.38 -5.17 15.15
C THR B 23 17.41 -6.19 14.51
N ASP B 24 17.57 -7.48 14.81
CA ASP B 24 16.66 -8.49 14.27
C ASP B 24 15.28 -8.28 14.85
N ILE B 25 14.26 -8.45 14.01
CA ILE B 25 12.87 -8.28 14.44
C ILE B 25 12.05 -9.45 13.92
N ILE B 26 11.29 -10.07 14.82
CA ILE B 26 10.40 -11.15 14.42
C ILE B 26 9.19 -10.58 13.68
N THR B 27 8.92 -11.09 12.48
CA THR B 27 7.76 -10.64 11.72
C THR B 27 6.58 -11.57 11.93
N ARG B 28 5.38 -11.00 11.78
CA ARG B 28 4.12 -11.72 11.99
C ARG B 28 3.28 -11.84 10.73
N THR B 29 2.53 -12.93 10.60
CA THR B 29 1.51 -12.97 9.55
C THR B 29 0.19 -12.47 10.13
N THR B 30 -0.82 -12.35 9.26
CA THR B 30 -2.22 -12.23 9.64
C THR B 30 -2.61 -10.85 10.19
N GLY B 31 -1.87 -10.34 11.16
CA GLY B 31 -2.17 -9.00 11.70
C GLY B 31 -1.14 -8.54 12.71
N PRO B 32 -1.24 -7.27 13.13
CA PRO B 32 -0.27 -6.63 14.04
C PRO B 32 -0.45 -7.01 15.51
N PHE B 33 -0.30 -8.29 15.83
CA PHE B 33 -0.31 -8.76 17.23
C PHE B 33 0.85 -9.74 17.41
N ARG B 34 1.52 -9.66 18.56
CA ARG B 34 2.61 -10.58 18.86
C ARG B 34 2.14 -12.02 19.06
N SER B 35 0.83 -12.21 19.23
CA SER B 35 0.28 -13.55 19.42
C SER B 35 -0.15 -14.19 18.10
N MET B 36 -0.02 -13.44 17.01
CA MET B 36 -0.21 -13.96 15.66
C MET B 36 0.93 -14.91 15.29
N PRO B 37 0.77 -15.73 14.25
CA PRO B 37 1.88 -16.61 13.87
C PRO B 37 3.10 -15.82 13.39
N GLN B 38 4.28 -16.36 13.64
CA GLN B 38 5.51 -15.79 13.10
C GLN B 38 5.59 -16.04 11.59
N SER B 39 5.93 -15.01 10.83
CA SER B 39 6.23 -15.16 9.41
C SER B 39 7.68 -15.56 9.22
N GLY B 40 8.56 -14.88 9.95
CA GLY B 40 9.98 -15.14 9.84
C GLY B 40 10.75 -14.14 10.67
N VAL B 41 11.94 -13.78 10.20
N VAL B 41 11.94 -13.78 10.20
CA VAL B 41 12.77 -12.78 10.86
CA VAL B 41 12.71 -12.73 10.86
C VAL B 41 13.29 -11.78 9.83
C VAL B 41 13.26 -11.77 9.82
N LEU B 42 13.24 -10.49 10.16
CA LEU B 42 13.88 -9.48 9.34
C LEU B 42 15.21 -9.13 9.99
N LYS B 43 16.31 -9.41 9.30
CA LYS B 43 17.62 -9.29 9.92
C LYS B 43 18.11 -7.83 9.96
N ALA B 44 18.83 -7.48 11.03
CA ALA B 44 19.47 -6.17 11.12
C ALA B 44 20.23 -5.86 9.83
N GLY B 45 19.97 -4.70 9.24
CA GLY B 45 20.70 -4.28 8.06
C GLY B 45 19.98 -4.46 6.73
N GLN B 46 18.97 -5.33 6.72
CA GLN B 46 18.15 -5.54 5.52
C GLN B 46 17.11 -4.43 5.44
N THR B 47 16.43 -4.32 4.31
CA THR B 47 15.45 -3.25 4.12
C THR B 47 14.16 -3.80 3.49
N ILE B 48 13.02 -3.31 3.96
CA ILE B 48 11.75 -3.58 3.30
C ILE B 48 11.06 -2.26 2.93
N HIS B 49 10.22 -2.31 1.89
CA HIS B 49 9.35 -1.18 1.56
C HIS B 49 7.98 -1.45 2.14
N TYR B 50 7.51 -0.60 3.05
CA TYR B 50 6.18 -0.81 3.63
C TYR B 50 5.16 0.14 3.00
N ASP B 51 3.87 -0.19 3.15
CA ASP B 51 2.83 0.64 2.56
C ASP B 51 1.70 0.92 3.54
N GLU B 52 1.85 0.44 4.77
CA GLU B 52 0.81 0.61 5.78
C GLU B 52 1.45 0.78 7.15
N VAL B 53 0.88 1.63 7.98
CA VAL B 53 1.32 1.77 9.37
C VAL B 53 0.14 1.51 10.32
N MET B 54 0.43 0.86 11.44
CA MET B 54 -0.60 0.42 12.37
C MET B 54 -0.18 0.69 13.81
N LYS B 55 -1.15 0.99 14.67
CA LYS B 55 -0.90 1.04 16.10
C LYS B 55 -1.79 0.03 16.80
N GLN B 56 -1.16 -0.93 17.47
CA GLN B 56 -1.86 -2.06 18.06
C GLN B 56 -0.89 -2.85 18.92
N ASP B 57 -1.43 -3.53 19.93
CA ASP B 57 -0.65 -4.46 20.78
C ASP B 57 0.66 -3.83 21.27
N GLY B 58 0.54 -2.63 21.84
CA GLY B 58 1.68 -1.96 22.43
C GLY B 58 2.79 -1.49 21.48
N HIS B 59 2.52 -1.47 20.19
CA HIS B 59 3.54 -1.08 19.20
C HIS B 59 3.00 -0.30 18.00
N VAL B 60 3.91 0.37 17.31
CA VAL B 60 3.70 0.78 15.94
C VAL B 60 4.23 -0.33 15.03
N TRP B 61 3.41 -0.71 14.06
CA TRP B 61 3.79 -1.74 13.09
C TRP B 61 3.78 -1.15 11.70
N VAL B 62 4.58 -1.74 10.80
CA VAL B 62 4.44 -1.44 9.39
C VAL B 62 4.03 -2.73 8.66
N GLY B 63 3.24 -2.59 7.61
CA GLY B 63 2.82 -3.74 6.83
C GLY B 63 3.40 -3.68 5.43
N TYR B 64 3.77 -4.85 4.90
CA TYR B 64 4.17 -4.94 3.51
C TYR B 64 3.72 -6.27 2.91
N THR B 65 3.94 -6.44 1.62
CA THR B 65 3.54 -7.67 0.95
C THR B 65 4.76 -8.53 0.71
N GLY B 66 4.67 -9.79 1.08
CA GLY B 66 5.80 -10.70 0.97
C GLY B 66 5.92 -11.31 -0.42
N ASN B 67 6.88 -12.19 -0.59
CA ASN B 67 7.13 -12.75 -1.92
C ASN B 67 6.08 -13.75 -2.36
N SER B 68 5.21 -14.17 -1.43
CA SER B 68 4.12 -15.08 -1.77
C SER B 68 2.79 -14.33 -1.83
N GLY B 69 2.86 -13.00 -1.80
CA GLY B 69 1.67 -12.18 -1.93
C GLY B 69 0.88 -12.04 -0.64
N GLN B 70 1.47 -12.51 0.46
CA GLN B 70 0.84 -12.41 1.77
C GLN B 70 1.23 -11.11 2.47
N ARG B 71 0.38 -10.64 3.37
CA ARG B 71 0.73 -9.46 4.16
C ARG B 71 1.64 -9.88 5.33
N ILE B 72 2.66 -9.05 5.58
CA ILE B 72 3.59 -9.28 6.68
C ILE B 72 3.56 -8.06 7.61
N TYR B 73 3.56 -8.31 8.92
CA TYR B 73 3.46 -7.25 9.93
C TYR B 73 4.70 -7.22 10.85
N LEU B 74 5.29 -6.03 10.94
CA LEU B 74 6.60 -5.85 11.55
C LEU B 74 6.52 -4.75 12.59
N PRO B 75 6.76 -5.07 13.87
CA PRO B 75 6.77 -4.00 14.89
C PRO B 75 8.08 -3.21 14.83
N VAL B 76 8.00 -1.88 14.92
CA VAL B 76 9.20 -1.05 14.75
C VAL B 76 9.54 -0.18 15.97
N ARG B 77 8.57 0.01 16.86
CA ARG B 77 8.80 0.78 18.09
C ARG B 77 7.61 0.57 19.01
N THR B 78 7.77 0.89 20.30
CA THR B 78 6.66 0.72 21.22
C THR B 78 5.69 1.88 21.08
N TRP B 79 4.44 1.61 21.43
CA TRP B 79 3.40 2.63 21.48
C TRP B 79 2.57 2.40 22.72
N ASN B 80 2.49 3.45 23.53
CA ASN B 80 1.73 3.47 24.77
C ASN B 80 0.39 4.14 24.48
N LYS B 81 -0.69 3.36 24.41
CA LYS B 81 -1.98 3.93 24.01
C LYS B 81 -2.60 4.86 25.06
N SER B 82 -2.16 4.73 26.31
CA SER B 82 -2.70 5.59 27.38
C SER B 82 -2.35 7.07 27.16
N THR B 83 -1.17 7.32 26.59
CA THR B 83 -0.66 8.67 26.41
C THR B 83 -0.25 8.98 24.97
N ASN B 84 -0.38 8.01 24.07
CA ASN B 84 0.03 8.14 22.67
C ASN B 84 1.52 8.43 22.52
N THR B 85 2.33 7.82 23.38
CA THR B 85 3.78 8.05 23.39
C THR B 85 4.55 6.90 22.75
N LEU B 86 5.56 7.23 21.95
CA LEU B 86 6.33 6.21 21.23
C LEU B 86 7.66 5.90 21.93
N GLY B 87 8.16 4.68 21.70
CA GLY B 87 9.52 4.33 22.11
C GLY B 87 10.51 4.62 20.98
N VAL B 88 11.79 4.32 21.23
CA VAL B 88 12.85 4.53 20.25
C VAL B 88 12.60 3.67 19.01
N LEU B 89 12.86 4.21 17.82
CA LEU B 89 12.70 3.45 16.56
C LEU B 89 13.80 2.39 16.41
N TRP B 90 13.41 1.16 16.10
CA TRP B 90 14.36 0.05 16.03
C TRP B 90 15.05 -0.01 14.67
N GLY B 91 15.47 1.15 14.18
CA GLY B 91 16.14 1.23 12.89
C GLY B 91 15.97 2.59 12.26
N THR B 92 15.92 2.61 10.94
CA THR B 92 15.94 3.82 10.14
C THR B 92 14.87 3.83 9.07
N ILE B 93 14.15 4.95 8.97
CA ILE B 93 13.17 5.11 7.89
C ILE B 93 13.65 6.15 6.89
N LYS B 94 13.59 5.79 5.61
CA LYS B 94 13.98 6.66 4.50
C LYS B 94 12.95 6.56 3.39
N GLY C 1 -8.73 -2.60 6.13
CA GLY C 1 -7.31 -2.33 6.25
C GLY C 1 -6.81 -2.64 7.64
N GLY C 2 -5.49 -2.53 7.84
CA GLY C 2 -4.92 -2.71 9.17
C GLY C 2 -4.68 -4.15 9.59
N GLY C 3 -4.81 -5.07 8.64
CA GLY C 3 -4.69 -6.48 8.92
C GLY C 3 -5.85 -7.10 9.69
N GLY C 4 -5.67 -8.35 10.07
CA GLY C 4 -6.68 -9.10 10.79
C GLY C 4 -6.41 -9.17 12.28
N GLY C 5 -6.95 -10.19 12.91
CA GLY C 5 -6.90 -10.30 14.36
C GLY C 5 -7.41 -11.64 14.84
N GLY D 1 -16.94 4.24 -18.10
CA GLY D 1 -15.49 4.20 -17.92
C GLY D 1 -15.10 3.96 -16.47
N GLY D 2 -13.80 4.04 -16.19
CA GLY D 2 -13.31 3.88 -14.83
C GLY D 2 -13.23 2.44 -14.35
N GLY D 3 -13.41 1.51 -15.28
CA GLY D 3 -13.32 0.09 -14.98
C GLY D 3 -14.53 -0.48 -14.25
N GLY D 4 -14.38 -1.74 -13.82
CA GLY D 4 -15.40 -2.42 -13.06
C GLY D 4 -15.02 -2.54 -11.60
N GLY D 5 -15.39 -3.67 -11.00
CA GLY D 5 -15.11 -3.91 -9.60
C GLY D 5 -15.75 -5.19 -9.11
S SO4 E . -4.82 -13.47 -8.24
O1 SO4 E . -5.90 -13.72 -7.29
O2 SO4 E . -5.28 -13.66 -9.59
O3 SO4 E . -3.75 -14.43 -7.97
O4 SO4 E . -4.31 -12.10 -8.08
S SO4 F . -0.22 -8.10 -21.56
O1 SO4 F . -0.38 -8.55 -20.17
O2 SO4 F . -1.39 -8.50 -22.34
O3 SO4 F . -0.08 -6.64 -21.57
O4 SO4 F . 0.96 -8.74 -22.12
C1 MPD G . -4.52 12.81 -9.68
C2 MPD G . -3.91 13.19 -11.03
O2 MPD G . -4.98 13.41 -11.99
CM MPD G . -3.13 14.49 -10.94
C3 MPD G . -3.04 12.06 -11.59
C4 MPD G . -1.62 11.92 -11.03
O4 MPD G . -1.47 12.33 -9.69
C5 MPD G . -1.23 10.45 -11.16
S SO4 H . 4.21 -19.95 15.40
O1 SO4 H . 3.26 -19.93 16.51
O2 SO4 H . 3.57 -20.32 14.16
O3 SO4 H . 4.80 -18.63 15.27
O4 SO4 H . 5.23 -20.96 15.71
S SO4 I . -9.42 0.27 3.60
O1 SO4 I . -10.42 0.51 2.57
O2 SO4 I . -9.47 1.35 4.59
O3 SO4 I . -8.09 0.24 2.99
O4 SO4 I . -9.70 -1.01 4.25
S SO4 J . 21.61 2.61 2.37
O1 SO4 J . 20.43 1.89 1.88
O2 SO4 J . 21.48 4.02 2.00
O3 SO4 J . 22.84 2.05 1.79
O4 SO4 J . 21.71 2.51 3.83
S SO4 K . 8.27 -14.50 1.86
O1 SO4 K . 7.04 -15.07 1.32
O2 SO4 K . 8.22 -13.04 1.77
O3 SO4 K . 8.43 -14.91 3.26
O4 SO4 K . 9.40 -15.02 1.11
C1 MPD L . 7.29 4.42 12.50
C2 MPD L . 6.97 5.90 12.54
O2 MPD L . 6.79 6.27 13.93
CM MPD L . 8.14 6.72 11.99
C3 MPD L . 5.71 6.19 11.74
C4 MPD L . 4.51 6.58 12.61
O4 MPD L . 4.78 7.82 13.24
C5 MPD L . 3.28 6.73 11.74
#